data_2X8L
#
_entry.id   2X8L
#
_cell.length_a   80.120
_cell.length_b   85.410
_cell.length_c   91.700
_cell.angle_alpha   90.00
_cell.angle_beta   90.00
_cell.angle_gamma   90.00
#
_symmetry.space_group_name_H-M   'I 2 2 2'
#
loop_
_entity.id
_entity.type
_entity.pdbx_description
1 polymer 'L-LACTATE DEHYDROGENASE'
2 non-polymer GLYCEROL
3 water water
#
_entity_poly.entity_id   1
_entity_poly.type   'polypeptide(L)'
_entity_poly.pdbx_seq_one_letter_code
;MAPKAKIVLVGSGMIGGVMATLIVQKNLGDVVLFDIVKNMPHGKALDTSHTNVMAYSNCKVSGSNTYDDLAGADVVIVTA
GFTKAPGKSDKEWNRDDLLPLNNKIMIEIGGHIKKNCPNAFIIVVTNPVDVMVQLLHQHSGVPKNKIIGLGGVLDTSRLK
YYISQKLNVCPRDVNAHIVGAHGNKMVLLKRYITVGGIPLQEFINNKLISDAELEAIFDRTVNTALEIVNLHASPYVAPA
AAIIEMAESYLKDLKKVLICSTLLEGQYGHSDIFGGTPVVLGANGVEQVIELQLNSEEKAKFDEAIAETKRMKALAHHHH
HH
;
_entity_poly.pdbx_strand_id   A
#
loop_
_chem_comp.id
_chem_comp.type
_chem_comp.name
_chem_comp.formula
GOL non-polymer GLYCEROL 'C3 H8 O3'
#
# COMPACT_ATOMS: atom_id res chain seq x y z
N ALA A 2 24.18 -11.68 8.36
CA ALA A 2 22.87 -11.10 8.75
C ALA A 2 21.92 -12.21 9.27
N PRO A 3 21.31 -12.01 10.46
CA PRO A 3 20.16 -12.85 10.71
C PRO A 3 19.02 -12.50 9.73
N LYS A 4 17.93 -13.25 9.81
CA LYS A 4 16.78 -13.00 9.03
C LYS A 4 16.31 -11.57 9.32
N ALA A 5 15.62 -10.99 8.36
CA ALA A 5 14.81 -9.81 8.62
C ALA A 5 13.76 -10.01 9.70
N LYS A 6 13.52 -8.96 10.49
CA LYS A 6 12.40 -8.90 11.42
C LYS A 6 11.35 -7.98 10.85
N ILE A 7 10.12 -8.52 10.67
CA ILE A 7 9.03 -7.77 10.05
C ILE A 7 7.91 -7.61 11.06
N VAL A 8 7.59 -6.36 11.48
CA VAL A 8 6.57 -6.14 12.53
C VAL A 8 5.33 -5.58 11.87
N LEU A 9 4.22 -6.32 12.05
CA LEU A 9 2.94 -5.95 11.53
C LEU A 9 2.23 -5.25 12.65
N VAL A 10 2.12 -3.92 12.52
CA VAL A 10 1.47 -3.09 13.54
C VAL A 10 0.00 -3.05 13.12
N GLY A 11 -0.77 -3.96 13.74
CA GLY A 11 -2.17 -4.28 13.37
C GLY A 11 -2.20 -5.72 12.89
N SER A 12 -2.99 -6.52 13.57
CA SER A 12 -3.08 -7.95 13.27
C SER A 12 -4.50 -8.32 12.86
N GLY A 13 -5.16 -7.46 12.08
CA GLY A 13 -6.52 -7.71 11.64
C GLY A 13 -6.39 -8.57 10.37
N MET A 14 -7.38 -8.48 9.50
CA MET A 14 -7.45 -9.38 8.34
C MET A 14 -6.29 -9.18 7.41
N ILE A 15 -5.91 -7.95 7.09
CA ILE A 15 -4.78 -7.72 6.20
C ILE A 15 -3.51 -8.29 6.83
N GLY A 16 -3.29 -8.00 8.12
CA GLY A 16 -2.19 -8.60 8.87
C GLY A 16 -2.12 -10.09 8.76
N GLY A 17 -3.26 -10.78 8.86
CA GLY A 17 -3.24 -12.19 8.83
C GLY A 17 -2.74 -12.73 7.51
N VAL A 18 -3.20 -12.12 6.44
CA VAL A 18 -2.80 -12.57 5.10
C VAL A 18 -1.31 -12.25 4.89
N MET A 19 -0.90 -11.06 5.33
CA MET A 19 0.52 -10.70 5.23
C MET A 19 1.41 -11.74 5.93
N ALA A 20 1.05 -12.15 7.15
CA ALA A 20 1.82 -13.14 7.90
C ALA A 20 1.91 -14.43 7.08
N THR A 21 0.77 -14.86 6.56
CA THR A 21 0.67 -16.08 5.75
C THR A 21 1.66 -16.01 4.59
N LEU A 22 1.66 -14.90 3.85
CA LEU A 22 2.49 -14.80 2.65
C LEU A 22 3.95 -14.68 3.00
N ILE A 23 4.28 -14.02 4.11
CA ILE A 23 5.69 -13.93 4.51
C ILE A 23 6.28 -15.34 4.76
N VAL A 24 5.53 -16.19 5.40
CA VAL A 24 5.97 -17.53 5.67
C VAL A 24 6.06 -18.31 4.35
N GLN A 25 5.05 -18.18 3.49
CA GLN A 25 5.08 -18.87 2.16
C GLN A 25 6.34 -18.53 1.43
N LYS A 26 6.72 -17.25 1.50
CA LYS A 26 7.88 -16.72 0.77
C LYS A 26 9.19 -16.75 1.60
N ASN A 27 9.11 -17.24 2.83
CA ASN A 27 10.25 -17.33 3.73
C ASN A 27 10.97 -15.97 3.83
N LEU A 28 10.24 -14.87 3.98
CA LEU A 28 10.85 -13.54 3.87
C LEU A 28 11.51 -12.99 5.14
N GLY A 29 11.12 -13.53 6.27
CA GLY A 29 11.68 -13.06 7.54
C GLY A 29 10.84 -13.53 8.70
N ASP A 30 11.35 -13.29 9.92
CA ASP A 30 10.56 -13.46 11.16
C ASP A 30 9.47 -12.38 11.19
N VAL A 31 8.31 -12.77 11.72
CA VAL A 31 7.11 -11.92 11.79
C VAL A 31 6.66 -11.72 13.22
N VAL A 32 6.34 -10.47 13.54
CA VAL A 32 5.66 -10.14 14.76
C VAL A 32 4.28 -9.56 14.38
N LEU A 33 3.22 -10.23 14.83
CA LEU A 33 1.85 -9.74 14.74
C LEU A 33 1.58 -8.96 16.01
N PHE A 34 1.59 -7.64 15.94
CA PHE A 34 1.33 -6.74 17.05
C PHE A 34 -0.09 -6.23 16.92
N ASP A 35 -0.75 -6.16 18.05
CA ASP A 35 -2.03 -5.49 18.12
C ASP A 35 -2.30 -5.07 19.53
N ILE A 36 -3.17 -4.08 19.68
CA ILE A 36 -3.60 -3.71 21.01
C ILE A 36 -4.64 -4.67 21.61
N VAL A 37 -5.29 -5.45 20.77
CA VAL A 37 -6.24 -6.45 21.27
C VAL A 37 -5.48 -7.60 21.99
N LYS A 38 -5.83 -7.86 23.23
CA LYS A 38 -5.22 -8.91 24.04
C LYS A 38 -5.39 -10.28 23.39
N ASN A 39 -4.26 -10.97 23.33
CA ASN A 39 -4.11 -12.38 22.95
C ASN A 39 -4.37 -12.79 21.53
N MET A 40 -5.36 -12.19 20.88
CA MET A 40 -5.64 -12.46 19.47
C MET A 40 -4.40 -12.57 18.56
N PRO A 41 -3.44 -11.61 18.65
CA PRO A 41 -2.30 -11.80 17.76
C PRO A 41 -1.45 -13.06 18.10
N HIS A 42 -1.39 -13.46 19.35
CA HIS A 42 -0.73 -14.72 19.73
C HIS A 42 -1.44 -15.90 19.05
N GLY A 43 -2.76 -15.88 19.02
CA GLY A 43 -3.54 -16.97 18.44
C GLY A 43 -3.32 -17.06 16.95
N LYS A 44 -3.38 -15.93 16.25
CA LYS A 44 -3.08 -15.94 14.81
C LYS A 44 -1.67 -16.32 14.54
N ALA A 45 -0.74 -15.86 15.37
CA ALA A 45 0.65 -16.17 15.14
C ALA A 45 0.89 -17.69 15.27
N LEU A 46 0.26 -18.30 16.26
CA LEU A 46 0.42 -19.75 16.48
C LEU A 46 -0.08 -20.52 15.26
N ASP A 47 -1.29 -20.21 14.83
CA ASP A 47 -1.89 -20.86 13.66
C ASP A 47 -0.95 -20.74 12.49
N THR A 48 -0.51 -19.50 12.22
CA THR A 48 0.36 -19.19 11.08
C THR A 48 1.72 -19.91 11.16
N SER A 49 2.26 -20.00 12.35
CA SER A 49 3.58 -20.64 12.55
C SER A 49 3.63 -22.10 12.03
N HIS A 50 2.53 -22.84 12.13
CA HIS A 50 2.56 -24.27 11.77
C HIS A 50 2.79 -24.41 10.26
N THR A 51 2.41 -23.36 9.45
CA THR A 51 2.53 -23.45 8.00
C THR A 51 4.01 -23.47 7.55
N ASN A 52 4.97 -23.20 8.44
CA ASN A 52 6.38 -23.36 8.09
C ASN A 52 6.63 -24.79 7.58
N VAL A 53 5.92 -25.76 8.19
CA VAL A 53 6.07 -27.15 7.80
C VAL A 53 5.65 -27.38 6.37
N MET A 54 4.42 -26.94 6.04
CA MET A 54 3.90 -27.14 4.68
C MET A 54 4.72 -26.36 3.63
N ALA A 55 5.31 -25.23 4.02
CA ALA A 55 5.94 -24.27 3.09
C ALA A 55 7.46 -24.56 2.94
N TYR A 56 7.99 -25.45 3.76
CA TYR A 56 9.48 -25.69 3.92
CA TYR A 56 9.45 -25.66 3.74
C TYR A 56 10.26 -24.41 4.19
N SER A 57 9.67 -23.57 5.03
CA SER A 57 10.23 -22.33 5.49
C SER A 57 10.68 -22.40 6.93
N ASN A 58 11.30 -21.33 7.40
N ASN A 58 11.41 -21.36 7.30
CA ASN A 58 11.64 -21.30 8.83
CA ASN A 58 11.90 -21.18 8.69
C ASN A 58 11.66 -19.87 9.35
C ASN A 58 11.74 -19.71 9.10
N CYS A 59 10.49 -19.28 9.27
CA CYS A 59 10.22 -17.94 9.78
C CYS A 59 9.52 -18.09 11.11
N LYS A 60 10.02 -17.43 12.15
CA LYS A 60 9.24 -17.33 13.38
C LYS A 60 8.04 -16.42 13.20
N VAL A 61 6.92 -16.78 13.80
CA VAL A 61 5.74 -15.94 13.81
C VAL A 61 5.27 -15.81 15.27
N SER A 62 5.38 -14.60 15.81
CA SER A 62 5.09 -14.31 17.21
CA SER A 62 5.01 -14.40 17.21
C SER A 62 4.02 -13.26 17.32
N GLY A 63 3.17 -13.36 18.30
CA GLY A 63 2.29 -12.25 18.59
C GLY A 63 2.89 -11.32 19.61
N SER A 64 2.31 -10.13 19.71
CA SER A 64 2.78 -9.14 20.65
C SER A 64 1.67 -8.19 21.02
N ASN A 65 1.62 -7.84 22.29
CA ASN A 65 0.81 -6.72 22.77
C ASN A 65 1.67 -5.61 23.35
N THR A 66 2.95 -5.55 22.95
CA THR A 66 3.93 -4.67 23.58
C THR A 66 4.67 -3.87 22.52
N TYR A 67 4.57 -2.56 22.59
CA TYR A 67 5.13 -1.74 21.50
C TYR A 67 6.67 -1.89 21.39
N ASP A 68 7.30 -2.20 22.51
N ASP A 68 7.35 -2.17 22.49
CA ASP A 68 8.77 -2.32 22.58
CA ASP A 68 8.84 -2.23 22.43
C ASP A 68 9.31 -3.44 21.65
C ASP A 68 9.35 -3.50 21.71
N ASP A 69 8.45 -4.38 21.32
CA ASP A 69 8.77 -5.47 20.37
C ASP A 69 9.06 -4.92 18.97
N LEU A 70 8.85 -3.63 18.73
CA LEU A 70 9.40 -2.97 17.55
C LEU A 70 10.90 -2.93 17.50
N ALA A 71 11.57 -3.13 18.62
CA ALA A 71 13.06 -3.09 18.65
C ALA A 71 13.65 -3.98 17.56
N GLY A 72 14.60 -3.42 16.82
CA GLY A 72 15.30 -4.19 15.80
C GLY A 72 14.53 -4.53 14.54
N ALA A 73 13.32 -3.96 14.37
CA ALA A 73 12.53 -4.27 13.18
C ALA A 73 13.25 -3.74 11.95
N ASP A 74 13.30 -4.54 10.90
CA ASP A 74 13.77 -4.09 9.62
C ASP A 74 12.65 -3.46 8.80
N VAL A 75 11.48 -4.01 8.92
CA VAL A 75 10.30 -3.57 8.17
C VAL A 75 9.15 -3.51 9.10
N VAL A 76 8.44 -2.36 9.08
CA VAL A 76 7.27 -2.16 9.91
C VAL A 76 6.11 -1.81 8.98
N ILE A 77 5.04 -2.59 9.11
CA ILE A 77 3.84 -2.42 8.25
C ILE A 77 2.65 -2.03 9.11
N VAL A 78 2.09 -0.83 8.86
CA VAL A 78 1.10 -0.29 9.72
C VAL A 78 -0.30 -0.35 9.10
N THR A 79 -1.12 -1.19 9.67
CA THR A 79 -2.52 -1.34 9.29
C THR A 79 -3.48 -0.86 10.38
N ALA A 80 -2.96 -0.59 11.56
CA ALA A 80 -3.75 -0.20 12.72
C ALA A 80 -4.53 1.10 12.43
N GLY A 81 -5.73 1.21 12.97
CA GLY A 81 -6.52 2.44 12.82
C GLY A 81 -7.99 2.17 12.83
N PHE A 82 -8.79 3.18 13.19
CA PHE A 82 -10.22 3.02 13.10
C PHE A 82 -10.71 3.10 11.66
N THR A 83 -11.72 2.31 11.33
CA THR A 83 -12.36 2.35 10.03
C THR A 83 -13.88 2.60 10.14
N LYS A 84 -14.46 2.52 11.35
CA LYS A 84 -15.90 2.76 11.54
C LYS A 84 -16.12 3.48 12.89
N ASN A 94 -19.63 10.72 9.82
CA ASN A 94 -18.91 10.42 8.58
C ASN A 94 -17.43 10.05 8.73
N ARG A 95 -16.83 9.62 7.62
CA ARG A 95 -15.47 9.08 7.62
C ARG A 95 -14.40 10.09 8.03
N ASP A 96 -14.55 11.36 7.62
CA ASP A 96 -13.59 12.41 8.04
C ASP A 96 -13.49 12.55 9.57
N ASP A 97 -14.51 12.12 10.30
CA ASP A 97 -14.49 12.22 11.75
C ASP A 97 -13.41 11.30 12.34
N LEU A 98 -12.95 10.32 11.60
CA LEU A 98 -11.97 9.40 12.11
C LEU A 98 -10.55 9.99 11.99
N LEU A 99 -10.43 11.07 11.22
CA LEU A 99 -9.07 11.56 10.84
C LEU A 99 -8.28 11.97 12.08
N PRO A 100 -8.87 12.72 13.00
CA PRO A 100 -8.04 13.02 14.17
C PRO A 100 -7.76 11.82 15.09
N LEU A 101 -8.62 10.79 15.07
CA LEU A 101 -8.39 9.62 15.93
C LEU A 101 -7.23 8.87 15.31
N ASN A 102 -7.25 8.79 13.99
CA ASN A 102 -6.18 8.07 13.34
C ASN A 102 -4.87 8.80 13.36
N ASN A 103 -4.92 10.12 13.34
CA ASN A 103 -3.72 10.94 13.58
C ASN A 103 -3.06 10.53 14.92
N LYS A 104 -3.86 10.44 15.97
CA LYS A 104 -3.33 10.05 17.27
C LYS A 104 -2.65 8.67 17.23
N ILE A 105 -3.20 7.73 16.47
CA ILE A 105 -2.60 6.41 16.29
C ILE A 105 -1.25 6.52 15.58
N MET A 106 -1.18 7.27 14.49
CA MET A 106 0.10 7.53 13.82
C MET A 106 1.12 8.16 14.72
N ILE A 107 0.67 9.11 15.52
CA ILE A 107 1.62 9.80 16.42
C ILE A 107 2.21 8.78 17.41
N GLU A 108 1.36 8.02 18.06
CA GLU A 108 1.82 6.98 19.03
C GLU A 108 2.77 5.97 18.39
N ILE A 109 2.41 5.48 17.19
CA ILE A 109 3.28 4.49 16.52
C ILE A 109 4.61 5.13 16.15
N GLY A 110 4.56 6.37 15.66
CA GLY A 110 5.77 7.08 15.30
C GLY A 110 6.74 7.25 16.42
N GLY A 111 6.24 7.60 17.61
CA GLY A 111 7.12 7.70 18.76
C GLY A 111 7.83 6.41 19.12
N HIS A 112 7.09 5.30 19.03
CA HIS A 112 7.67 3.96 19.22
C HIS A 112 8.67 3.55 18.13
N ILE A 113 8.43 3.95 16.87
CA ILE A 113 9.41 3.66 15.82
C ILE A 113 10.71 4.49 16.04
N LYS A 114 10.55 5.77 16.42
CA LYS A 114 11.69 6.62 16.62
C LYS A 114 12.59 6.06 17.71
N LYS A 115 11.98 5.60 18.80
CA LYS A 115 12.69 5.06 19.92
C LYS A 115 13.33 3.71 19.64
N ASN A 116 12.59 2.81 19.01
CA ASN A 116 12.94 1.36 18.98
C ASN A 116 13.53 0.87 17.67
N CYS A 117 13.15 1.46 16.55
CA CYS A 117 13.62 0.99 15.23
C CYS A 117 13.72 2.15 14.24
N PRO A 118 14.55 3.12 14.53
CA PRO A 118 14.63 4.31 13.64
C PRO A 118 15.20 3.99 12.28
N ASN A 119 15.86 2.82 12.09
CA ASN A 119 16.35 2.47 10.77
CA ASN A 119 16.36 2.43 10.78
C ASN A 119 15.43 1.53 10.01
N ALA A 120 14.24 1.27 10.55
CA ALA A 120 13.28 0.41 9.85
C ALA A 120 12.76 1.08 8.55
N PHE A 121 12.38 0.25 7.59
CA PHE A 121 11.59 0.68 6.43
C PHE A 121 10.13 0.52 6.75
N ILE A 122 9.34 1.56 6.52
CA ILE A 122 8.00 1.63 7.04
C ILE A 122 7.00 1.69 5.85
N ILE A 123 5.99 0.83 5.90
CA ILE A 123 4.90 0.83 4.92
C ILE A 123 3.61 1.14 5.67
N VAL A 124 2.90 2.22 5.28
CA VAL A 124 1.66 2.66 5.90
C VAL A 124 0.48 2.26 5.00
N VAL A 125 -0.52 1.70 5.65
CA VAL A 125 -1.75 1.24 5.03
C VAL A 125 -2.99 1.97 5.49
N THR A 126 -3.01 2.50 6.74
CA THR A 126 -4.17 3.14 7.35
C THR A 126 -4.71 4.23 6.44
N ASN A 127 -6.00 4.15 6.17
CA ASN A 127 -6.78 5.05 5.32
CA ASN A 127 -6.61 5.12 5.30
C ASN A 127 -7.06 6.37 6.04
N PRO A 128 -7.01 7.53 5.31
CA PRO A 128 -6.51 7.72 3.95
C PRO A 128 -5.00 7.77 3.91
N VAL A 129 -4.44 6.82 3.15
CA VAL A 129 -3.07 6.49 3.30
CA VAL A 129 -3.02 6.47 3.23
C VAL A 129 -2.16 7.67 2.98
N ASP A 130 -2.53 8.50 2.00
CA ASP A 130 -1.59 9.56 1.61
C ASP A 130 -1.47 10.62 2.71
N VAL A 131 -2.52 10.75 3.51
CA VAL A 131 -2.45 11.57 4.72
C VAL A 131 -1.64 10.86 5.84
N MET A 132 -2.07 9.66 6.19
CA MET A 132 -1.54 8.93 7.33
C MET A 132 -0.04 8.66 7.18
N VAL A 133 0.41 8.36 5.99
CA VAL A 133 1.82 8.13 5.77
C VAL A 133 2.68 9.38 6.14
N GLN A 134 2.24 10.57 5.75
CA GLN A 134 2.97 11.76 6.01
C GLN A 134 2.95 12.09 7.52
N LEU A 135 1.84 11.84 8.20
CA LEU A 135 1.79 12.03 9.63
C LEU A 135 2.78 11.09 10.32
N LEU A 136 2.85 9.82 9.87
CA LEU A 136 3.78 8.89 10.49
C LEU A 136 5.18 9.29 10.12
N HIS A 137 5.45 9.77 8.88
CA HIS A 137 6.78 10.24 8.56
C HIS A 137 7.26 11.30 9.58
N GLN A 138 6.39 12.27 9.80
CA GLN A 138 6.71 13.44 10.64
C GLN A 138 6.97 13.03 12.08
N HIS A 139 6.17 12.10 12.59
CA HIS A 139 6.34 11.73 14.02
C HIS A 139 7.33 10.60 14.29
N SER A 140 7.71 9.86 13.25
CA SER A 140 8.67 8.76 13.40
C SER A 140 10.13 9.26 13.22
N GLY A 141 10.27 10.37 12.51
CA GLY A 141 11.56 10.94 12.18
C GLY A 141 12.41 10.20 11.14
N VAL A 142 11.85 9.20 10.47
CA VAL A 142 12.60 8.40 9.52
C VAL A 142 12.88 9.23 8.25
N PRO A 143 13.96 8.93 7.57
CA PRO A 143 14.26 9.60 6.31
C PRO A 143 13.19 9.36 5.25
N LYS A 144 13.07 10.31 4.32
CA LYS A 144 12.05 10.23 3.29
C LYS A 144 12.16 9.02 2.41
N ASN A 145 13.33 8.46 2.32
CA ASN A 145 13.47 7.25 1.48
C ASN A 145 13.15 5.97 2.22
N LYS A 146 12.71 6.07 3.46
CA LYS A 146 12.43 4.92 4.30
C LYS A 146 11.00 4.75 4.70
N ILE A 147 10.11 5.52 4.11
CA ILE A 147 8.67 5.35 4.38
C ILE A 147 7.82 5.56 3.17
N ILE A 148 6.83 4.67 2.96
CA ILE A 148 5.95 4.76 1.83
C ILE A 148 4.55 4.32 2.25
N GLY A 149 3.57 4.64 1.39
CA GLY A 149 2.20 4.22 1.60
C GLY A 149 1.75 3.29 0.50
N LEU A 150 0.92 2.34 0.85
CA LEU A 150 0.24 1.46 -0.13
C LEU A 150 -0.79 2.32 -0.94
N GLY A 151 -0.81 2.13 -2.24
CA GLY A 151 -1.85 2.73 -3.03
C GLY A 151 -1.77 2.10 -4.41
N GLY A 152 -0.84 2.57 -5.24
CA GLY A 152 -0.84 2.23 -6.68
C GLY A 152 -0.66 0.77 -7.03
N VAL A 153 0.11 0.00 -6.25
CA VAL A 153 0.26 -1.41 -6.53
C VAL A 153 -1.14 -2.06 -6.43
N LEU A 154 -1.90 -1.70 -5.41
CA LEU A 154 -3.23 -2.23 -5.22
C LEU A 154 -4.21 -1.74 -6.28
N ASP A 155 -4.32 -0.43 -6.49
CA ASP A 155 -5.28 0.06 -7.45
C ASP A 155 -5.00 -0.43 -8.88
N THR A 156 -3.73 -0.41 -9.25
CA THR A 156 -3.33 -0.92 -10.59
C THR A 156 -3.52 -2.43 -10.74
N SER A 157 -3.45 -3.22 -9.65
CA SER A 157 -3.66 -4.66 -9.79
C SER A 157 -5.08 -4.92 -10.30
N ARG A 158 -6.00 -4.07 -9.93
CA ARG A 158 -7.36 -4.22 -10.36
C ARG A 158 -7.51 -3.87 -11.84
N LEU A 159 -6.98 -2.71 -12.24
CA LEU A 159 -7.03 -2.25 -13.61
C LEU A 159 -6.34 -3.27 -14.55
N LYS A 160 -5.09 -3.65 -14.20
CA LYS A 160 -4.39 -4.66 -14.96
C LYS A 160 -5.20 -5.94 -15.05
N TYR A 161 -5.73 -6.42 -13.93
CA TYR A 161 -6.44 -7.66 -13.96
C TYR A 161 -7.68 -7.63 -14.89
N TYR A 162 -8.46 -6.56 -14.79
CA TYR A 162 -9.71 -6.49 -15.55
C TYR A 162 -9.39 -6.44 -17.06
N ILE A 163 -8.36 -5.68 -17.41
CA ILE A 163 -7.97 -5.59 -18.83
C ILE A 163 -7.48 -6.94 -19.28
N SER A 164 -6.70 -7.62 -18.45
CA SER A 164 -6.15 -8.90 -18.88
C SER A 164 -7.21 -9.94 -19.16
N GLN A 165 -8.30 -9.88 -18.39
CA GLN A 165 -9.38 -10.81 -18.59
C GLN A 165 -10.13 -10.54 -19.87
N LYS A 166 -10.25 -9.27 -20.24
CA LYS A 166 -10.89 -8.93 -21.47
C LYS A 166 -10.08 -9.40 -22.67
N LEU A 167 -8.74 -9.19 -22.56
CA LEU A 167 -7.83 -9.47 -23.66
C LEU A 167 -7.31 -10.90 -23.71
N ASN A 168 -7.62 -11.68 -22.69
CA ASN A 168 -7.18 -13.07 -22.56
CA ASN A 168 -7.16 -13.07 -22.58
C ASN A 168 -5.65 -13.22 -22.57
N VAL A 169 -5.01 -12.40 -21.78
CA VAL A 169 -3.55 -12.44 -21.59
C VAL A 169 -3.22 -12.58 -20.10
N CYS A 170 -1.99 -13.04 -19.82
CA CYS A 170 -1.50 -13.13 -18.45
C CYS A 170 -1.68 -11.81 -17.69
N PRO A 171 -2.25 -11.83 -16.50
CA PRO A 171 -2.48 -10.55 -15.80
C PRO A 171 -1.29 -9.61 -15.64
N ARG A 172 -0.15 -10.16 -15.30
CA ARG A 172 1.06 -9.38 -15.09
C ARG A 172 1.54 -8.72 -16.42
N ASP A 173 1.12 -9.25 -17.58
CA ASP A 173 1.54 -8.63 -18.83
C ASP A 173 0.80 -7.38 -19.17
N VAL A 174 -0.19 -7.01 -18.38
CA VAL A 174 -0.85 -5.66 -18.50
C VAL A 174 -0.17 -4.74 -17.49
N ASN A 175 0.32 -3.60 -17.97
CA ASN A 175 1.01 -2.65 -17.08
C ASN A 175 0.20 -1.35 -17.16
N ALA A 176 0.06 -0.65 -16.02
CA ALA A 176 -0.81 0.51 -15.97
C ALA A 176 -0.34 1.36 -14.79
N HIS A 177 -0.72 2.63 -14.82
CA HIS A 177 -0.33 3.64 -13.81
C HIS A 177 -1.57 4.34 -13.32
N ILE A 178 -1.66 4.39 -12.00
CA ILE A 178 -2.67 5.10 -11.26
C ILE A 178 -1.86 5.91 -10.23
N VAL A 179 -2.02 7.20 -10.27
CA VAL A 179 -1.26 8.13 -9.46
C VAL A 179 -2.04 9.14 -8.64
N GLY A 180 -1.32 9.88 -7.84
CA GLY A 180 -1.85 10.99 -7.14
C GLY A 180 -2.21 10.64 -5.71
N ALA A 181 -3.27 9.87 -5.56
CA ALA A 181 -3.74 9.39 -4.24
C ALA A 181 -4.41 8.04 -4.35
N HIS A 182 -4.46 7.32 -3.21
N HIS A 182 -4.39 7.29 -3.24
CA HIS A 182 -5.19 6.06 -3.10
CA HIS A 182 -5.24 6.15 -3.13
C HIS A 182 -6.57 6.31 -2.50
C HIS A 182 -6.62 6.80 -2.96
N GLY A 183 -7.64 6.07 -3.26
CA GLY A 183 -8.97 6.51 -2.96
C GLY A 183 -9.67 7.08 -4.16
N ASN A 184 -10.80 7.74 -3.90
CA ASN A 184 -11.75 8.08 -4.99
C ASN A 184 -11.22 9.11 -5.97
N LYS A 185 -10.18 9.86 -5.57
CA LYS A 185 -9.51 10.83 -6.48
C LYS A 185 -8.30 10.24 -7.22
N MET A 186 -8.10 8.91 -7.16
CA MET A 186 -7.00 8.27 -7.92
C MET A 186 -7.06 8.69 -9.39
N VAL A 187 -5.89 8.86 -9.99
CA VAL A 187 -5.78 9.35 -11.34
C VAL A 187 -5.39 8.18 -12.24
N LEU A 188 -6.33 7.70 -13.03
CA LEU A 188 -6.07 6.54 -13.90
C LEU A 188 -5.60 7.07 -15.24
N LEU A 189 -4.40 6.68 -15.67
CA LEU A 189 -3.77 7.25 -16.81
C LEU A 189 -3.88 6.30 -18.02
N LYS A 190 -4.94 6.51 -18.81
CA LYS A 190 -5.15 5.66 -20.00
C LYS A 190 -3.94 5.62 -20.91
N ARG A 191 -3.25 6.74 -21.02
CA ARG A 191 -2.11 6.83 -21.95
C ARG A 191 -0.91 5.93 -21.57
N TYR A 192 -0.86 5.52 -20.30
CA TYR A 192 0.25 4.70 -19.76
C TYR A 192 -0.14 3.26 -19.54
N ILE A 193 -1.13 2.77 -20.30
CA ILE A 193 -1.45 1.34 -20.22
C ILE A 193 -0.80 0.62 -21.39
N THR A 194 -0.17 -0.52 -21.07
CA THR A 194 0.41 -1.38 -22.11
C THR A 194 0.01 -2.85 -21.87
N VAL A 195 0.07 -3.62 -22.93
CA VAL A 195 -0.23 -5.06 -22.92
C VAL A 195 0.91 -5.74 -23.62
N GLY A 196 1.62 -6.57 -22.84
CA GLY A 196 2.88 -7.11 -23.26
C GLY A 196 3.81 -6.00 -23.75
N GLY A 197 3.80 -4.85 -23.07
CA GLY A 197 4.72 -3.77 -23.46
C GLY A 197 4.25 -2.93 -24.65
N ILE A 198 3.12 -3.31 -25.23
CA ILE A 198 2.62 -2.64 -26.42
C ILE A 198 1.53 -1.62 -25.96
N PRO A 199 1.51 -0.44 -26.59
CA PRO A 199 0.52 0.53 -26.12
C PRO A 199 -0.90 -0.02 -26.26
N LEU A 200 -1.72 0.18 -25.24
CA LEU A 200 -3.15 -0.22 -25.25
C LEU A 200 -3.86 0.30 -26.51
N GLN A 201 -3.50 1.48 -26.96
CA GLN A 201 -4.16 2.09 -28.09
C GLN A 201 -4.17 1.17 -29.31
N GLU A 202 -3.11 0.38 -29.48
CA GLU A 202 -3.04 -0.53 -30.62
C GLU A 202 -4.18 -1.55 -30.56
N PHE A 203 -4.49 -1.97 -29.33
CA PHE A 203 -5.59 -2.96 -29.10
C PHE A 203 -6.98 -2.34 -29.29
N ILE A 204 -7.06 -1.06 -29.01
CA ILE A 204 -8.28 -0.31 -29.25
C ILE A 204 -8.45 -0.14 -30.78
N ASN A 205 -7.36 0.24 -31.46
CA ASN A 205 -7.35 0.40 -32.94
C ASN A 205 -7.83 -0.87 -33.65
N ASN A 206 -7.40 -2.01 -33.14
CA ASN A 206 -7.82 -3.35 -33.66
C ASN A 206 -9.16 -3.84 -33.21
N LYS A 207 -9.86 -3.05 -32.43
CA LYS A 207 -11.17 -3.41 -31.92
C LYS A 207 -11.17 -4.61 -30.99
N LEU A 208 -10.03 -4.88 -30.38
CA LEU A 208 -9.93 -5.96 -29.39
C LEU A 208 -10.48 -5.57 -28.05
N ILE A 209 -10.51 -4.25 -27.79
CA ILE A 209 -11.10 -3.69 -26.57
C ILE A 209 -11.48 -2.27 -27.00
N SER A 210 -12.65 -1.83 -26.59
CA SER A 210 -13.12 -0.53 -26.98
C SER A 210 -12.88 0.52 -25.91
N ASP A 211 -12.99 1.77 -26.34
CA ASP A 211 -12.90 2.89 -25.39
C ASP A 211 -14.01 2.82 -24.36
N ALA A 212 -15.21 2.44 -24.79
CA ALA A 212 -16.32 2.34 -23.87
C ALA A 212 -16.11 1.25 -22.84
N GLU A 213 -15.53 0.14 -23.27
CA GLU A 213 -15.22 -0.94 -22.31
C GLU A 213 -14.22 -0.44 -21.30
N LEU A 214 -13.21 0.30 -21.78
CA LEU A 214 -12.20 0.83 -20.89
CA LEU A 214 -12.17 0.82 -20.90
C LEU A 214 -12.76 1.78 -19.88
N GLU A 215 -13.65 2.67 -20.29
N GLU A 215 -13.66 2.65 -20.30
CA GLU A 215 -14.32 3.56 -19.31
CA GLU A 215 -14.35 3.57 -19.38
C GLU A 215 -15.02 2.76 -18.21
C GLU A 215 -15.06 2.80 -18.26
N ALA A 216 -15.71 1.69 -18.60
CA ALA A 216 -16.36 0.84 -17.61
C ALA A 216 -15.37 0.20 -16.65
N ILE A 217 -14.24 -0.24 -17.22
CA ILE A 217 -13.17 -0.86 -16.39
C ILE A 217 -12.55 0.20 -15.46
N PHE A 218 -12.35 1.44 -15.95
N PHE A 218 -12.39 1.44 -15.95
CA PHE A 218 -11.84 2.52 -15.07
CA PHE A 218 -11.86 2.54 -15.12
C PHE A 218 -12.80 2.69 -13.90
C PHE A 218 -12.78 2.84 -13.94
N ASP A 219 -14.09 2.85 -14.18
CA ASP A 219 -15.04 3.09 -13.10
CA ASP A 219 -15.03 3.10 -13.09
C ASP A 219 -15.05 1.91 -12.13
N ARG A 220 -14.94 0.71 -12.66
CA ARG A 220 -14.93 -0.46 -11.81
C ARG A 220 -13.68 -0.44 -10.89
N THR A 221 -12.55 0.01 -11.43
CA THR A 221 -11.29 0.08 -10.69
C THR A 221 -11.44 1.02 -9.50
N VAL A 222 -11.96 2.22 -9.76
CA VAL A 222 -12.10 3.22 -8.72
C VAL A 222 -13.02 2.69 -7.64
N ASN A 223 -14.07 2.00 -8.08
CA ASN A 223 -15.08 1.53 -7.16
C ASN A 223 -14.95 0.10 -6.63
N THR A 224 -13.81 -0.52 -6.78
CA THR A 224 -13.66 -1.96 -6.48
C THR A 224 -13.87 -2.28 -5.00
N ALA A 225 -13.27 -1.48 -4.12
CA ALA A 225 -13.49 -1.72 -2.68
C ALA A 225 -14.98 -1.69 -2.31
N LEU A 226 -15.71 -0.73 -2.88
CA LEU A 226 -17.16 -0.63 -2.65
C LEU A 226 -17.88 -1.81 -3.26
N GLU A 227 -17.47 -2.27 -4.45
CA GLU A 227 -18.10 -3.43 -5.10
C GLU A 227 -17.99 -4.66 -4.18
N ILE A 228 -16.79 -4.90 -3.66
CA ILE A 228 -16.54 -6.03 -2.74
C ILE A 228 -17.36 -5.94 -1.46
N VAL A 229 -17.41 -4.75 -0.85
CA VAL A 229 -18.21 -4.56 0.36
C VAL A 229 -19.68 -4.76 0.08
N ASN A 230 -20.13 -4.31 -1.09
CA ASN A 230 -21.55 -4.51 -1.48
C ASN A 230 -21.92 -5.96 -1.77
N LEU A 231 -20.91 -6.78 -2.03
CA LEU A 231 -21.04 -8.22 -2.18
C LEU A 231 -20.87 -8.97 -0.83
N HIS A 232 -20.89 -8.24 0.27
CA HIS A 232 -20.82 -8.80 1.62
C HIS A 232 -19.49 -9.53 1.88
N ALA A 233 -18.43 -8.99 1.32
CA ALA A 233 -17.05 -9.40 1.61
C ALA A 233 -16.25 -8.14 1.97
N SER A 234 -14.93 -8.20 2.05
N SER A 234 -14.98 -8.36 2.34
CA SER A 234 -14.21 -6.93 2.21
CA SER A 234 -14.11 -7.31 2.82
C SER A 234 -12.80 -7.12 1.67
C SER A 234 -12.85 -7.53 2.04
N PRO A 235 -12.25 -6.04 1.10
N PRO A 235 -12.31 -6.45 1.43
CA PRO A 235 -10.90 -6.24 0.59
CA PRO A 235 -11.16 -6.56 0.54
C PRO A 235 -9.82 -6.38 1.63
C PRO A 235 -9.78 -6.44 1.22
N TYR A 236 -9.23 -7.59 1.65
CA TYR A 236 -7.98 -7.71 2.38
C TYR A 236 -6.92 -8.58 1.78
N VAL A 237 -7.27 -9.46 0.86
CA VAL A 237 -6.30 -10.40 0.27
C VAL A 237 -5.42 -9.66 -0.70
N ALA A 238 -6.01 -8.87 -1.59
CA ALA A 238 -5.18 -8.12 -2.57
C ALA A 238 -4.37 -7.03 -1.89
N PRO A 239 -4.97 -6.27 -0.97
CA PRO A 239 -4.11 -5.35 -0.22
C PRO A 239 -2.84 -6.03 0.37
N ALA A 240 -3.02 -7.14 1.08
CA ALA A 240 -1.93 -7.89 1.67
C ALA A 240 -0.90 -8.27 0.62
N ALA A 241 -1.31 -8.86 -0.50
CA ALA A 241 -0.36 -9.22 -1.52
C ALA A 241 0.40 -8.04 -2.07
N ALA A 242 -0.29 -6.91 -2.29
CA ALA A 242 0.39 -5.72 -2.78
C ALA A 242 1.49 -5.28 -1.80
N ILE A 243 1.16 -5.28 -0.51
CA ILE A 243 2.06 -4.79 0.52
C ILE A 243 3.27 -5.70 0.56
N ILE A 244 3.02 -6.99 0.50
CA ILE A 244 4.11 -7.95 0.50
C ILE A 244 5.02 -7.84 -0.76
N GLU A 245 4.44 -7.56 -1.92
CA GLU A 245 5.30 -7.26 -3.10
C GLU A 245 6.27 -6.10 -2.87
N MET A 246 5.78 -5.03 -2.22
CA MET A 246 6.57 -3.84 -1.88
C MET A 246 7.65 -4.26 -0.90
N ALA A 247 7.26 -4.88 0.20
CA ALA A 247 8.19 -5.30 1.24
C ALA A 247 9.30 -6.20 0.71
N GLU A 248 8.93 -7.14 -0.17
CA GLU A 248 9.85 -8.07 -0.71
C GLU A 248 10.86 -7.39 -1.61
N SER A 249 10.39 -6.40 -2.37
CA SER A 249 11.31 -5.64 -3.21
C SER A 249 12.40 -4.95 -2.44
N TYR A 250 12.03 -4.41 -1.31
CA TYR A 250 12.99 -3.81 -0.36
C TYR A 250 13.95 -4.87 0.21
N LEU A 251 13.36 -5.89 0.82
CA LEU A 251 14.14 -6.92 1.49
C LEU A 251 15.12 -7.65 0.63
N LYS A 252 14.69 -7.92 -0.61
CA LYS A 252 15.53 -8.68 -1.56
C LYS A 252 16.31 -7.79 -2.56
N ASP A 253 16.22 -6.49 -2.40
CA ASP A 253 16.88 -5.55 -3.33
C ASP A 253 16.53 -5.86 -4.79
N LEU A 254 15.25 -6.07 -5.08
CA LEU A 254 14.85 -6.38 -6.45
C LEU A 254 14.80 -5.11 -7.35
N LYS A 255 14.63 -3.94 -6.73
CA LYS A 255 14.57 -2.66 -7.50
C LYS A 255 13.38 -2.63 -8.49
N LYS A 256 12.27 -3.20 -8.08
CA LYS A 256 11.07 -3.11 -8.85
C LYS A 256 10.54 -1.66 -8.86
N VAL A 257 9.95 -1.31 -9.99
CA VAL A 257 9.19 -0.10 -10.17
C VAL A 257 7.78 -0.38 -9.69
N LEU A 258 7.38 0.30 -8.62
CA LEU A 258 6.13 0.05 -7.97
C LEU A 258 5.53 1.40 -7.61
N ILE A 259 4.22 1.58 -7.82
CA ILE A 259 3.63 2.89 -7.53
C ILE A 259 3.17 2.93 -6.08
N CYS A 260 3.72 3.89 -5.35
CA CYS A 260 3.53 4.00 -3.92
C CYS A 260 3.41 5.48 -3.54
N SER A 261 2.83 5.72 -2.38
CA SER A 261 2.76 7.08 -1.82
C SER A 261 4.12 7.42 -1.21
N THR A 262 4.70 8.53 -1.67
CA THR A 262 6.10 8.96 -1.30
C THR A 262 6.12 10.48 -1.21
N LEU A 263 7.09 11.00 -0.49
CA LEU A 263 7.21 12.43 -0.30
C LEU A 263 7.57 13.06 -1.67
N LEU A 264 6.75 13.98 -2.10
CA LEU A 264 7.01 14.78 -3.31
C LEU A 264 7.85 16.03 -2.95
N GLU A 265 8.85 16.30 -3.79
CA GLU A 265 9.82 17.36 -3.61
C GLU A 265 9.89 18.20 -4.92
N GLY A 266 8.74 18.42 -5.54
CA GLY A 266 8.65 19.25 -6.75
C GLY A 266 8.03 18.51 -7.92
N GLN A 267 8.03 17.18 -7.85
CA GLN A 267 7.46 16.38 -8.96
C GLN A 267 6.00 16.78 -9.13
N TYR A 268 5.58 16.97 -10.38
CA TYR A 268 4.21 17.31 -10.74
C TYR A 268 3.82 18.72 -10.21
N GLY A 269 4.82 19.49 -9.83
CA GLY A 269 4.59 20.82 -9.24
C GLY A 269 4.29 20.82 -7.77
N HIS A 270 4.48 19.69 -7.11
CA HIS A 270 4.06 19.53 -5.73
C HIS A 270 5.22 19.24 -4.79
N SER A 271 5.19 19.91 -3.65
CA SER A 271 6.16 19.65 -2.60
C SER A 271 5.42 19.55 -1.24
N ASP A 272 6.12 19.03 -0.24
CA ASP A 272 5.66 19.04 1.16
C ASP A 272 4.38 18.22 1.39
N ILE A 273 4.19 17.22 0.56
CA ILE A 273 3.00 16.38 0.58
C ILE A 273 3.41 15.01 0.05
N PHE A 274 2.67 13.94 0.45
CA PHE A 274 2.85 12.62 -0.13
C PHE A 274 1.81 12.38 -1.20
N GLY A 275 2.21 11.67 -2.25
CA GLY A 275 1.27 11.25 -3.23
C GLY A 275 1.81 10.07 -4.00
N GLY A 276 0.91 9.42 -4.72
CA GLY A 276 1.21 8.20 -5.48
C GLY A 276 1.99 8.46 -6.76
N THR A 277 3.13 7.77 -6.92
CA THR A 277 3.95 7.89 -8.14
C THR A 277 4.83 6.65 -8.23
N PRO A 278 5.16 6.19 -9.44
CA PRO A 278 6.16 5.11 -9.49
C PRO A 278 7.42 5.47 -8.76
N VAL A 279 7.87 4.50 -7.96
CA VAL A 279 9.19 4.57 -7.31
C VAL A 279 9.92 3.28 -7.53
N VAL A 280 11.23 3.26 -7.27
CA VAL A 280 12.04 2.05 -7.37
C VAL A 280 12.36 1.65 -5.91
N LEU A 281 12.01 0.45 -5.53
CA LEU A 281 12.22 -0.04 -4.14
C LEU A 281 13.30 -1.10 -4.08
N GLY A 282 14.37 -0.78 -3.38
CA GLY A 282 15.44 -1.74 -3.19
C GLY A 282 16.05 -1.63 -1.83
N ALA A 283 17.27 -2.09 -1.67
CA ALA A 283 17.94 -2.16 -0.35
C ALA A 283 18.08 -0.82 0.33
N ASN A 284 18.12 0.26 -0.46
CA ASN A 284 18.22 1.60 0.15
C ASN A 284 16.89 2.28 0.26
N GLY A 285 15.78 1.52 0.23
CA GLY A 285 14.43 2.03 0.36
C GLY A 285 13.91 2.54 -0.97
N VAL A 286 13.37 3.76 -0.93
CA VAL A 286 12.97 4.50 -2.12
C VAL A 286 14.26 4.97 -2.80
N GLU A 287 14.70 4.23 -3.82
CA GLU A 287 15.98 4.51 -4.46
C GLU A 287 15.85 5.57 -5.55
N GLN A 288 14.66 5.63 -6.13
CA GLN A 288 14.34 6.62 -7.20
C GLN A 288 12.85 6.98 -7.07
N VAL A 289 12.54 8.23 -7.35
CA VAL A 289 11.14 8.66 -7.47
C VAL A 289 11.02 9.02 -8.94
N ILE A 290 10.15 8.33 -9.66
CA ILE A 290 9.98 8.56 -11.06
C ILE A 290 8.84 9.48 -11.30
N GLU A 291 9.08 10.54 -12.03
CA GLU A 291 8.06 11.56 -12.30
C GLU A 291 7.54 11.30 -13.73
N LEU A 292 6.27 10.94 -13.86
CA LEU A 292 5.76 10.72 -15.20
C LEU A 292 5.58 12.10 -15.83
N GLN A 293 5.82 12.17 -17.12
CA GLN A 293 5.72 13.41 -17.88
C GLN A 293 4.28 13.60 -18.36
N LEU A 294 3.45 13.91 -17.37
CA LEU A 294 2.00 14.17 -17.53
C LEU A 294 1.74 15.36 -18.41
N ASN A 295 0.64 15.29 -19.17
CA ASN A 295 0.14 16.44 -19.90
C ASN A 295 -0.77 17.26 -18.99
N SER A 296 -1.24 18.40 -19.49
CA SER A 296 -1.96 19.32 -18.59
C SER A 296 -3.26 18.73 -18.05
N GLU A 297 -3.92 17.89 -18.84
CA GLU A 297 -5.21 17.32 -18.43
C GLU A 297 -4.95 16.31 -17.34
N GLU A 298 -3.88 15.57 -17.47
CA GLU A 298 -3.54 14.57 -16.45
C GLU A 298 -3.06 15.28 -15.18
N LYS A 299 -2.25 16.29 -15.34
CA LYS A 299 -1.82 17.12 -14.19
C LYS A 299 -2.98 17.71 -13.45
N ALA A 300 -4.01 18.19 -14.14
CA ALA A 300 -5.15 18.75 -13.44
C ALA A 300 -5.76 17.73 -12.50
N LYS A 301 -5.87 16.49 -12.98
CA LYS A 301 -6.43 15.42 -12.11
C LYS A 301 -5.51 15.11 -10.95
N PHE A 302 -4.20 15.13 -11.17
CA PHE A 302 -3.20 14.92 -10.12
C PHE A 302 -3.39 16.00 -9.05
N ASP A 303 -3.61 17.24 -9.50
CA ASP A 303 -3.80 18.36 -8.59
C ASP A 303 -5.05 18.16 -7.72
N GLU A 304 -6.11 17.62 -8.29
CA GLU A 304 -7.34 17.38 -7.50
C GLU A 304 -7.08 16.30 -6.44
N ALA A 305 -6.27 15.31 -6.78
CA ALA A 305 -5.97 14.26 -5.81
C ALA A 305 -5.21 14.85 -4.61
N ILE A 306 -4.21 15.68 -4.89
CA ILE A 306 -3.40 16.33 -3.86
C ILE A 306 -4.24 17.22 -3.01
N ALA A 307 -5.12 17.99 -3.64
CA ALA A 307 -5.95 18.90 -2.90
C ALA A 307 -6.81 18.17 -1.84
N GLU A 308 -7.32 17.00 -2.23
CA GLU A 308 -8.14 16.20 -1.35
C GLU A 308 -7.30 15.62 -0.18
N THR A 309 -6.08 15.20 -0.46
CA THR A 309 -5.14 14.75 0.60
C THR A 309 -4.90 15.89 1.58
N LYS A 310 -4.66 17.10 1.06
CA LYS A 310 -4.48 18.28 1.93
C LYS A 310 -5.68 18.63 2.71
N ARG A 311 -6.86 18.53 2.13
CA ARG A 311 -8.08 18.85 2.88
C ARG A 311 -8.21 17.93 4.11
N MET A 312 -7.95 16.65 3.89
CA MET A 312 -8.11 15.67 4.97
C MET A 312 -6.99 15.80 5.96
N LYS A 313 -5.76 16.08 5.49
CA LYS A 313 -4.67 16.32 6.41
C LYS A 313 -5.01 17.45 7.38
N ALA A 314 -5.62 18.53 6.87
CA ALA A 314 -5.99 19.65 7.74
C ALA A 314 -6.97 19.25 8.82
N LEU A 315 -7.90 18.38 8.49
CA LEU A 315 -8.89 17.91 9.46
C LEU A 315 -8.29 16.94 10.48
N ALA A 316 -7.17 16.30 10.15
CA ALA A 316 -6.51 15.29 11.00
C ALA A 316 -5.88 15.88 12.28
N HIS A 317 -5.49 17.12 12.22
CA HIS A 317 -4.70 17.60 13.36
C HIS A 317 -5.40 17.65 14.70
N HIS A 318 -6.70 17.97 14.68
CA HIS A 318 -7.39 18.41 15.90
C HIS A 318 -8.84 17.97 16.04
N HIS A 319 -9.23 17.53 17.24
CA HIS A 319 -10.63 17.39 17.60
C HIS A 319 -11.24 18.77 17.85
N HIS A 320 -12.56 18.86 17.70
CA HIS A 320 -13.33 20.03 18.09
C HIS A 320 -14.55 19.60 18.91
N HIS A 321 -15.00 20.47 19.80
CA HIS A 321 -16.09 20.14 20.72
C HIS A 321 -17.45 20.40 20.06
C1 GOL B . 3.11 0.36 -12.56
O1 GOL B . 1.95 -0.11 -11.93
C2 GOL B . 4.09 -0.74 -12.32
O2 GOL B . 3.59 -2.02 -12.80
C3 GOL B . 5.35 -0.33 -13.00
O3 GOL B . 6.34 -1.33 -12.76
#